data_5GGG
#
_entry.id   5GGG
#
_cell.length_a   99.917
_cell.length_b   99.917
_cell.length_c   236.104
_cell.angle_alpha   90.00
_cell.angle_beta   90.00
_cell.angle_gamma   90.00
#
_symmetry.space_group_name_H-M   'P 41 21 2'
#
loop_
_entity.id
_entity.type
_entity.pdbx_description
1 polymer 'Protein O-linked-mannose beta-1,2-N-acetylglucosaminyltransferase 1'
2 water water
#
_entity_poly.entity_id   1
_entity_poly.type   'polypeptide(L)'
_entity_poly.pdbx_seq_one_letter_code
;GSGPRRVLDVEVYSSRSKVYVAVDGTTVLEDEAREQGRGIHVIVLNQATGHVMAKRVFDTYSPHEDEAMVLFLNMVAPGR
VLICTVKDEGSFHLKDTAKALLRSLGSQAGPALGWRDTWAFVGRKGGPVFGEKHSKSPALSSWGDPVLLKTDVPLSSAEE
AECHWADTELNRRRRRFCSKVEGYGSVCSCKDPTPIEFSPDPLPDNKVLNVPVAVIAGNRPNYLYRMLRSLLSAQGVSPQ
MITVFIDGYYEEPMDVVALFGLRGIQHTPISIKNARVSQHYKASLTATFNLFPEAKFAVVLEEDLDIAVDFFSFLSQSIH
LLEEDDSLYCISAWNDQGYEHTAEDPALLYRVETMPGLGWVLRRSLYKEELEPKWPTPEKLWDWDMWMRMPEQRRGRECI
IPDVSRSYHFGIVGLNMNGYFHEAYFKKHKFNTVPGVQLRNVDSLKKEAYEVEVHRLLSEAEVLDHSKNPCEDSFLPDTE
GHTYVAFIRMEKDDDFTTWTQLAKCLHIWDLDVRGNHRGLWRLFRKKNHFLVVGVPASPYSVKKPPSVTPIFLEPPPKEE
GAPGAPEQTLELEVLFQG
;
_entity_poly.pdbx_strand_id   A
#
# COMPACT_ATOMS: atom_id res chain seq x y z
N ARG A 6 -7.96 33.39 -26.33
CA ARG A 6 -9.22 33.62 -25.67
C ARG A 6 -9.01 33.77 -24.15
N VAL A 7 -10.09 33.64 -23.37
CA VAL A 7 -10.07 33.91 -21.94
C VAL A 7 -11.24 33.16 -21.33
N LEU A 8 -11.07 32.73 -20.08
CA LEU A 8 -12.02 31.86 -19.40
C LEU A 8 -12.76 32.64 -18.30
N ASP A 9 -14.08 32.57 -18.32
CA ASP A 9 -14.94 33.11 -17.26
C ASP A 9 -15.03 32.04 -16.17
N VAL A 10 -14.16 32.14 -15.16
CA VAL A 10 -14.19 31.22 -14.03
C VAL A 10 -15.05 31.84 -12.92
N GLU A 11 -15.94 31.04 -12.37
CA GLU A 11 -16.89 31.47 -11.35
C GLU A 11 -16.69 30.58 -10.14
N VAL A 12 -16.13 31.13 -9.06
CA VAL A 12 -15.93 30.37 -7.83
C VAL A 12 -16.72 31.02 -6.70
N TYR A 13 -17.11 30.18 -5.74
CA TYR A 13 -18.16 30.53 -4.79
C TYR A 13 -17.88 29.81 -3.48
N SER A 14 -17.79 30.57 -2.39
CA SER A 14 -17.52 30.07 -1.06
C SER A 14 -18.75 30.29 -0.19
N SER A 15 -19.18 29.27 0.56
CA SER A 15 -20.40 29.42 1.34
C SER A 15 -20.34 28.52 2.56
N ARG A 16 -21.32 28.74 3.44
CA ARG A 16 -21.39 28.02 4.71
C ARG A 16 -21.58 26.53 4.47
N SER A 17 -22.53 26.18 3.62
CA SER A 17 -22.90 24.79 3.46
C SER A 17 -22.69 24.23 2.06
N LYS A 18 -22.44 25.08 1.07
CA LYS A 18 -22.17 24.63 -0.28
C LYS A 18 -20.96 25.36 -0.83
N VAL A 19 -20.40 24.82 -1.91
CA VAL A 19 -19.19 25.38 -2.48
C VAL A 19 -19.15 24.96 -3.94
N TYR A 20 -18.90 25.90 -4.86
CA TYR A 20 -18.91 25.51 -6.26
C TYR A 20 -17.92 26.35 -7.05
N VAL A 21 -17.66 25.87 -8.27
CA VAL A 21 -16.76 26.48 -9.22
C VAL A 21 -17.50 26.47 -10.55
N ALA A 22 -17.10 27.34 -11.48
CA ALA A 22 -17.76 27.33 -12.79
C ALA A 22 -16.81 27.86 -13.85
N VAL A 23 -16.61 27.08 -14.90
CA VAL A 23 -15.64 27.39 -15.95
C VAL A 23 -16.42 27.53 -17.25
N ASP A 24 -16.60 28.78 -17.69
CA ASP A 24 -17.37 29.08 -18.90
C ASP A 24 -18.74 28.40 -18.89
N GLY A 25 -19.49 28.61 -17.79
CA GLY A 25 -20.89 28.27 -17.75
C GLY A 25 -21.24 26.93 -17.16
N THR A 26 -20.35 25.94 -17.23
CA THR A 26 -20.62 24.61 -16.70
C THR A 26 -19.80 24.40 -15.43
N THR A 27 -20.49 24.21 -14.31
CA THR A 27 -19.84 24.07 -13.02
C THR A 27 -19.22 22.68 -12.88
N VAL A 28 -17.93 22.63 -12.56
CA VAL A 28 -17.21 21.36 -12.55
C VAL A 28 -17.07 20.78 -11.14
N LEU A 29 -17.57 21.47 -10.12
CA LEU A 29 -17.65 20.87 -8.79
C LEU A 29 -18.66 21.63 -7.96
N GLU A 30 -19.58 20.89 -7.35
CA GLU A 30 -20.55 21.40 -6.40
C GLU A 30 -20.39 20.66 -5.08
N ASP A 31 -20.93 21.22 -4.00
CA ASP A 31 -20.95 20.46 -2.75
C ASP A 31 -21.83 21.12 -1.70
N GLU A 32 -23.14 20.92 -1.80
CA GLU A 32 -24.07 21.35 -0.77
C GLU A 32 -24.28 20.28 0.29
N ALA A 33 -23.50 19.19 0.26
CA ALA A 33 -23.64 18.14 1.26
C ALA A 33 -23.38 18.70 2.66
N ARG A 34 -24.05 18.10 3.64
CA ARG A 34 -24.22 18.74 4.93
C ARG A 34 -23.09 18.47 5.92
N GLU A 35 -22.54 17.25 5.94
CA GLU A 35 -21.54 16.87 6.93
C GLU A 35 -20.15 16.68 6.36
N GLN A 36 -19.94 16.93 5.07
CA GLN A 36 -18.71 16.49 4.43
C GLN A 36 -18.19 17.54 3.47
N GLY A 37 -17.06 17.22 2.84
CA GLY A 37 -16.27 18.13 2.06
C GLY A 37 -15.44 19.11 2.88
N ARG A 38 -15.40 18.96 4.20
CA ARG A 38 -15.08 20.08 5.08
C ARG A 38 -13.62 20.52 4.96
N GLY A 39 -13.41 21.84 4.74
CA GLY A 39 -12.11 22.48 4.64
C GLY A 39 -11.95 23.27 3.35
N ILE A 40 -10.69 23.56 3.01
CA ILE A 40 -10.38 24.19 1.72
C ILE A 40 -10.55 23.16 0.61
N HIS A 41 -11.32 23.52 -0.42
CA HIS A 41 -11.39 22.75 -1.65
C HIS A 41 -10.49 23.41 -2.69
N VAL A 42 -9.54 22.64 -3.22
CA VAL A 42 -8.61 23.10 -4.24
C VAL A 42 -8.96 22.40 -5.55
N ILE A 43 -9.28 23.19 -6.57
CA ILE A 43 -9.47 22.68 -7.92
C ILE A 43 -8.38 23.29 -8.80
N VAL A 44 -7.91 22.51 -9.78
CA VAL A 44 -6.72 22.81 -10.57
C VAL A 44 -7.07 22.60 -12.05
N LEU A 45 -6.97 23.67 -12.84
CA LEU A 45 -7.33 23.66 -14.26
C LEU A 45 -6.21 24.23 -15.12
N ASN A 46 -5.78 23.49 -16.14
CA ASN A 46 -4.66 23.92 -16.97
C ASN A 46 -4.85 25.31 -17.57
N GLN A 47 -3.72 25.95 -17.92
CA GLN A 47 -3.63 27.37 -18.22
C GLN A 47 -3.78 27.67 -19.71
N ALA A 48 -4.01 26.66 -20.52
CA ALA A 48 -4.14 26.84 -21.96
C ALA A 48 -5.40 26.20 -22.50
N THR A 49 -6.19 25.56 -21.65
CA THR A 49 -7.52 25.12 -22.04
C THR A 49 -8.54 25.14 -20.92
N GLY A 50 -8.16 25.31 -19.66
CA GLY A 50 -9.14 25.33 -18.60
C GLY A 50 -9.72 23.98 -18.22
N HIS A 51 -9.10 22.88 -18.65
CA HIS A 51 -9.53 21.56 -18.22
C HIS A 51 -9.09 21.31 -16.79
N VAL A 52 -9.94 20.64 -16.02
CA VAL A 52 -9.58 20.28 -14.66
C VAL A 52 -8.49 19.21 -14.69
N MET A 53 -7.40 19.47 -13.97
CA MET A 53 -6.32 18.50 -13.83
C MET A 53 -6.30 17.84 -12.46
N ALA A 54 -7.00 18.40 -11.47
CA ALA A 54 -6.99 17.87 -10.12
C ALA A 54 -8.15 18.47 -9.34
N LYS A 55 -8.63 17.71 -8.37
CA LYS A 55 -9.70 18.12 -7.47
C LYS A 55 -9.36 17.63 -6.08
N ARG A 56 -9.39 18.53 -5.10
CA ARG A 56 -8.93 18.19 -3.76
C ARG A 56 -9.85 18.77 -2.69
N VAL A 57 -9.79 18.12 -1.53
CA VAL A 57 -10.40 18.60 -0.29
C VAL A 57 -9.38 18.42 0.82
N PHE A 58 -9.28 19.44 1.69
CA PHE A 58 -8.38 19.40 2.83
C PHE A 58 -9.11 19.92 4.06
N ASP A 59 -9.33 19.04 5.04
CA ASP A 59 -9.96 19.41 6.30
C ASP A 59 -8.92 20.12 7.17
N THR A 60 -8.72 21.41 6.91
CA THR A 60 -7.88 22.21 7.78
C THR A 60 -8.65 22.80 8.95
N TYR A 61 -9.98 22.64 8.98
CA TYR A 61 -10.70 22.74 10.25
C TYR A 61 -10.13 21.75 11.26
N SER A 62 -9.64 20.62 10.77
CA SER A 62 -9.06 19.53 11.55
C SER A 62 -7.54 19.51 11.38
N PRO A 63 -6.80 18.95 12.34
CA PRO A 63 -5.34 19.08 12.30
C PRO A 63 -4.70 18.29 11.16
N HIS A 64 -3.66 18.90 10.59
CA HIS A 64 -2.62 18.24 9.80
C HIS A 64 -2.98 18.08 8.32
N GLU A 65 -4.26 18.27 7.96
CA GLU A 65 -4.59 18.31 6.54
C GLU A 65 -4.06 19.56 5.86
N ASP A 66 -3.75 20.62 6.63
CA ASP A 66 -3.04 21.76 6.06
C ASP A 66 -1.70 21.31 5.50
N GLU A 67 -1.05 20.35 6.15
CA GLU A 67 0.19 19.81 5.65
C GLU A 67 -0.01 19.00 4.37
N ALA A 68 -1.16 18.33 4.23
CA ALA A 68 -1.45 17.69 2.96
C ALA A 68 -1.61 18.71 1.84
N MET A 69 -2.16 19.87 2.18
CA MET A 69 -2.43 20.91 1.19
C MET A 69 -1.14 21.62 0.77
N VAL A 70 -0.28 21.98 1.74
CA VAL A 70 0.97 22.64 1.39
C VAL A 70 1.82 21.73 0.51
N LEU A 71 1.82 20.43 0.80
CA LEU A 71 2.49 19.48 -0.08
C LEU A 71 1.90 19.54 -1.48
N PHE A 72 0.58 19.37 -1.59
CA PHE A 72 -0.05 19.24 -2.90
C PHE A 72 0.18 20.47 -3.76
N LEU A 73 -0.01 21.67 -3.19
CA LEU A 73 0.21 22.88 -3.95
C LEU A 73 1.67 23.01 -4.39
N ASN A 74 2.59 22.44 -3.63
CA ASN A 74 3.99 22.40 -4.05
C ASN A 74 4.22 21.42 -5.18
N MET A 75 3.36 20.40 -5.32
CA MET A 75 3.48 19.44 -6.42
C MET A 75 2.87 19.95 -7.72
N VAL A 76 2.15 21.06 -7.67
CA VAL A 76 1.50 21.59 -8.86
C VAL A 76 2.52 22.39 -9.66
N ALA A 77 2.57 22.14 -10.97
CA ALA A 77 3.51 22.83 -11.84
C ALA A 77 3.23 24.33 -11.84
N PRO A 78 4.25 25.18 -11.85
CA PRO A 78 4.03 26.62 -11.85
C PRO A 78 3.37 27.11 -13.13
N GLY A 79 2.94 28.38 -13.09
CA GLY A 79 2.14 28.98 -14.14
C GLY A 79 0.67 28.64 -14.10
N ARG A 80 0.27 27.78 -13.20
CA ARG A 80 -0.98 27.02 -13.27
C ARG A 80 -2.06 27.74 -12.47
N VAL A 81 -3.23 27.98 -13.08
CA VAL A 81 -4.30 28.66 -12.37
C VAL A 81 -4.89 27.73 -11.30
N LEU A 82 -4.64 28.07 -10.05
CA LEU A 82 -5.21 27.38 -8.90
C LEU A 82 -6.46 28.13 -8.47
N ILE A 83 -7.52 27.40 -8.16
CA ILE A 83 -8.69 28.01 -7.54
C ILE A 83 -8.90 27.35 -6.19
N CYS A 84 -9.20 28.15 -5.18
CA CYS A 84 -9.54 27.67 -3.86
C CYS A 84 -10.92 28.22 -3.49
N THR A 85 -11.64 27.48 -2.66
CA THR A 85 -12.98 27.90 -2.25
C THR A 85 -13.35 27.13 -0.98
N VAL A 86 -13.33 27.83 0.14
CA VAL A 86 -13.54 27.22 1.45
C VAL A 86 -15.03 27.20 1.72
N LYS A 87 -15.44 26.23 2.52
CA LYS A 87 -16.81 26.01 2.92
C LYS A 87 -16.77 25.46 4.34
N ASP A 88 -17.87 25.56 5.05
CA ASP A 88 -17.96 25.21 6.47
C ASP A 88 -16.88 25.92 7.27
N GLU A 89 -15.68 25.34 7.36
CA GLU A 89 -14.61 25.99 8.09
C GLU A 89 -13.27 25.39 7.65
N GLY A 90 -12.29 26.28 7.46
CA GLY A 90 -10.95 25.87 7.06
C GLY A 90 -9.85 26.54 7.87
N SER A 91 -10.21 27.39 8.82
CA SER A 91 -9.19 28.17 9.52
C SER A 91 -8.54 27.41 10.67
N PHE A 92 -9.27 26.49 11.30
CA PHE A 92 -8.98 26.13 12.69
C PHE A 92 -7.55 25.60 12.87
N HIS A 93 -7.03 24.87 11.88
CA HIS A 93 -5.71 24.26 11.97
C HIS A 93 -4.84 24.66 10.79
N LEU A 94 -4.98 25.90 10.32
CA LEU A 94 -4.28 26.30 9.10
C LEU A 94 -2.78 26.38 9.33
N LYS A 95 -2.34 26.89 10.48
CA LYS A 95 -0.93 26.98 10.87
C LYS A 95 -0.14 27.90 9.96
N ASP A 96 0.99 28.43 10.48
CA ASP A 96 1.73 29.47 9.78
C ASP A 96 2.19 29.02 8.40
N THR A 97 2.62 27.76 8.26
CA THR A 97 3.21 27.29 7.02
C THR A 97 2.24 27.42 5.86
N ALA A 98 1.00 26.93 6.04
CA ALA A 98 0.02 26.98 4.97
C ALA A 98 -0.37 28.42 4.64
N LYS A 99 -0.58 29.25 5.66
CA LYS A 99 -0.79 30.68 5.42
C LYS A 99 0.37 31.30 4.66
N ALA A 100 1.59 30.85 4.92
CA ALA A 100 2.75 31.37 4.20
C ALA A 100 2.68 31.01 2.72
N LEU A 101 2.40 29.73 2.41
CA LEU A 101 2.28 29.35 1.01
C LEU A 101 1.17 30.12 0.32
N LEU A 102 0.01 30.25 0.99
CA LEU A 102 -1.10 31.00 0.39
C LEU A 102 -0.71 32.45 0.13
N ARG A 103 0.16 33.02 0.98
CA ARG A 103 0.70 34.34 0.70
C ARG A 103 1.58 34.34 -0.54
N SER A 104 2.42 33.31 -0.69
CA SER A 104 3.34 33.24 -1.82
C SER A 104 2.62 33.36 -3.16
N LEU A 105 1.49 32.68 -3.28
CA LEU A 105 0.70 32.68 -4.51
C LEU A 105 -0.12 33.96 -4.67
N GLY A 106 0.32 35.04 -4.04
CA GLY A 106 -0.29 36.34 -4.15
C GLY A 106 -1.61 36.52 -3.42
N SER A 107 -2.13 35.47 -2.78
CA SER A 107 -3.33 35.62 -1.97
C SER A 107 -3.00 36.38 -0.69
N GLN A 108 -3.80 37.39 -0.39
CA GLN A 108 -3.69 38.10 0.89
C GLN A 108 -4.85 37.81 1.83
N ALA A 109 -6.04 37.49 1.30
CA ALA A 109 -7.14 37.12 2.16
C ALA A 109 -7.01 35.71 2.71
N GLY A 110 -6.24 34.86 2.03
CA GLY A 110 -6.00 33.50 2.46
C GLY A 110 -5.18 33.38 3.74
N PRO A 111 -4.00 34.00 3.78
CA PRO A 111 -3.20 33.94 5.01
C PRO A 111 -3.87 34.59 6.21
N ALA A 112 -4.69 35.62 6.00
CA ALA A 112 -5.46 36.24 7.07
C ALA A 112 -6.79 35.54 7.32
N LEU A 113 -6.96 34.33 6.80
CA LEU A 113 -8.21 33.60 6.96
C LEU A 113 -8.41 33.24 8.43
N GLY A 114 -9.63 33.46 8.92
CA GLY A 114 -9.96 33.20 10.30
C GLY A 114 -11.23 32.37 10.47
N TRP A 115 -11.74 32.31 11.69
CA TRP A 115 -12.84 31.43 12.09
C TRP A 115 -14.04 31.48 11.16
N ARG A 116 -14.34 30.35 10.51
CA ARG A 116 -15.54 30.17 9.68
C ARG A 116 -15.69 31.22 8.58
N ASP A 117 -14.62 31.96 8.26
CA ASP A 117 -14.61 32.83 7.09
C ASP A 117 -15.02 32.05 5.84
N THR A 118 -15.57 32.76 4.86
CA THR A 118 -15.74 32.19 3.53
C THR A 118 -14.86 32.97 2.57
N TRP A 119 -13.88 32.28 1.99
CA TRP A 119 -12.82 32.86 1.18
C TRP A 119 -12.66 32.03 -0.08
N ALA A 120 -12.51 32.73 -1.21
CA ALA A 120 -12.31 32.09 -2.49
C ALA A 120 -11.16 32.80 -3.18
N PHE A 121 -10.25 32.01 -3.75
CA PHE A 121 -9.07 32.53 -4.44
C PHE A 121 -8.91 31.78 -5.74
N VAL A 122 -8.77 32.51 -6.84
CA VAL A 122 -8.35 31.97 -8.12
C VAL A 122 -7.15 32.78 -8.60
N GLY A 123 -6.11 32.09 -9.07
CA GLY A 123 -4.91 32.77 -9.46
C GLY A 123 -3.92 31.81 -10.07
N ARG A 124 -2.84 32.38 -10.59
CA ARG A 124 -1.78 31.61 -11.22
C ARG A 124 -0.70 31.29 -10.20
N LYS A 125 -0.19 30.07 -10.25
CA LYS A 125 0.95 29.67 -9.43
C LYS A 125 2.23 30.22 -10.06
N GLY A 126 2.89 31.13 -9.37
CA GLY A 126 3.96 31.90 -9.96
C GLY A 126 3.54 33.25 -10.48
N GLY A 127 2.39 33.76 -10.03
CA GLY A 127 1.93 35.07 -10.45
C GLY A 127 1.30 35.11 -11.82
N PRO A 128 0.39 36.07 -12.04
CA PRO A 128 -0.13 36.87 -10.92
C PRO A 128 -1.47 36.38 -10.39
N VAL A 129 -2.09 37.21 -9.54
CA VAL A 129 -3.39 36.92 -8.94
C VAL A 129 -4.49 37.49 -9.85
N PHE A 130 -5.63 36.81 -9.86
CA PHE A 130 -6.69 37.09 -10.82
C PHE A 130 -7.94 37.58 -10.11
N GLY A 131 -8.44 36.81 -9.14
CA GLY A 131 -9.51 37.25 -8.28
C GLY A 131 -9.43 36.59 -6.92
N GLU A 132 -9.53 37.40 -5.86
CA GLU A 132 -9.63 36.91 -4.50
C GLU A 132 -10.82 37.57 -3.85
N LYS A 133 -11.54 36.80 -3.04
CA LYS A 133 -12.75 37.27 -2.40
C LYS A 133 -12.80 36.71 -0.99
N HIS A 134 -12.99 37.62 -0.03
CA HIS A 134 -12.88 37.33 1.38
C HIS A 134 -14.21 37.70 2.04
N SER A 135 -14.62 36.89 3.01
CA SER A 135 -15.78 37.20 3.83
C SER A 135 -15.44 36.92 5.28
N LYS A 136 -15.81 37.87 6.15
CA LYS A 136 -15.46 37.83 7.56
C LYS A 136 -16.70 37.46 8.38
N SER A 137 -16.50 36.56 9.34
CA SER A 137 -17.54 36.14 10.26
C SER A 137 -17.71 37.18 11.35
N PRO A 138 -18.74 38.03 11.28
CA PRO A 138 -18.80 39.17 12.21
C PRO A 138 -18.86 38.77 13.66
N ALA A 139 -19.45 37.62 13.98
CA ALA A 139 -19.43 37.03 15.31
C ALA A 139 -18.92 35.61 15.19
N LEU A 140 -18.65 34.98 16.34
CA LEU A 140 -18.07 33.65 16.33
C LEU A 140 -19.09 32.57 15.99
N SER A 141 -20.37 32.80 16.31
CA SER A 141 -21.42 31.91 15.83
C SER A 141 -21.92 32.30 14.44
N SER A 142 -21.69 33.54 14.03
CA SER A 142 -21.96 33.98 12.67
C SER A 142 -20.81 33.58 11.76
N TRP A 143 -21.05 33.61 10.46
CA TRP A 143 -20.02 33.19 9.53
C TRP A 143 -19.88 34.23 8.42
N GLY A 144 -18.78 34.13 7.69
CA GLY A 144 -18.57 34.93 6.50
C GLY A 144 -19.72 34.77 5.54
N ASP A 145 -20.34 35.89 5.15
CA ASP A 145 -21.40 35.86 4.17
C ASP A 145 -20.91 35.12 2.93
N PRO A 146 -21.73 34.26 2.32
CA PRO A 146 -21.29 33.51 1.15
C PRO A 146 -20.72 34.42 0.07
N VAL A 147 -19.61 33.99 -0.50
CA VAL A 147 -18.81 34.78 -1.42
C VAL A 147 -18.92 34.20 -2.82
N LEU A 148 -19.01 35.07 -3.82
CA LEU A 148 -18.94 34.60 -5.19
C LEU A 148 -18.08 35.57 -6.00
N LEU A 149 -17.20 35.01 -6.80
CA LEU A 149 -16.02 35.68 -7.32
C LEU A 149 -16.00 35.54 -8.84
N LYS A 150 -16.37 36.62 -9.54
CA LYS A 150 -16.36 36.67 -11.01
C LYS A 150 -14.98 37.11 -11.52
N THR A 151 -14.13 36.14 -11.84
CA THR A 151 -12.85 36.43 -12.49
C THR A 151 -12.84 35.93 -13.94
N ASP A 152 -12.13 36.68 -14.78
CA ASP A 152 -11.79 36.27 -16.13
C ASP A 152 -10.29 36.00 -16.18
N VAL A 153 -9.91 34.85 -16.75
CA VAL A 153 -8.57 34.29 -16.56
C VAL A 153 -7.87 34.14 -17.90
N PRO A 154 -6.82 34.92 -18.17
CA PRO A 154 -6.19 34.89 -19.50
C PRO A 154 -5.66 33.51 -19.86
N LEU A 155 -5.98 33.09 -21.07
CA LEU A 155 -5.57 31.80 -21.60
C LEU A 155 -4.18 31.91 -22.22
N SER A 156 -3.30 30.98 -21.86
CA SER A 156 -1.93 31.03 -22.35
C SER A 156 -1.80 30.32 -23.68
N SER A 157 -0.61 30.46 -24.29
CA SER A 157 -0.32 29.71 -25.50
C SER A 157 -0.43 28.22 -25.22
N ALA A 158 -0.71 27.44 -26.27
CA ALA A 158 -0.57 26.00 -26.13
C ALA A 158 0.88 25.61 -25.85
N GLU A 159 1.82 26.52 -26.10
CA GLU A 159 3.25 26.25 -25.96
C GLU A 159 3.84 26.66 -24.62
N GLU A 160 3.28 27.69 -23.96
CA GLU A 160 3.79 28.13 -22.67
C GLU A 160 3.22 27.33 -21.51
N ALA A 161 2.10 26.63 -21.72
CA ALA A 161 1.53 25.76 -20.71
C ALA A 161 2.26 24.44 -20.63
N GLU A 162 2.99 24.08 -21.68
CA GLU A 162 3.56 22.74 -21.86
C GLU A 162 5.06 22.77 -21.63
N CYS A 163 5.59 21.64 -21.20
CA CYS A 163 7.01 21.51 -20.90
C CYS A 163 7.74 20.99 -22.14
N HIS A 164 8.73 21.74 -22.61
CA HIS A 164 9.43 21.41 -23.84
C HIS A 164 10.63 20.53 -23.50
N TRP A 165 10.37 19.23 -23.44
CA TRP A 165 11.40 18.21 -23.29
C TRP A 165 11.86 17.72 -24.66
N ALA A 166 13.02 17.06 -24.66
CA ALA A 166 13.45 16.32 -25.84
C ALA A 166 12.41 15.26 -26.21
N ASP A 167 12.25 15.04 -27.51
CA ASP A 167 11.22 14.15 -28.02
C ASP A 167 11.62 12.67 -27.89
N THR A 168 11.86 12.27 -26.64
CA THR A 168 11.91 10.85 -26.32
C THR A 168 10.51 10.41 -25.90
N GLU A 169 10.14 9.18 -26.27
CA GLU A 169 8.73 8.81 -26.17
C GLU A 169 8.33 8.39 -24.76
N LEU A 170 9.30 8.24 -23.87
CA LEU A 170 9.07 8.47 -22.45
C LEU A 170 8.39 9.82 -22.24
N ASN A 171 9.03 10.87 -22.76
CA ASN A 171 8.50 12.21 -22.64
C ASN A 171 7.26 12.42 -23.51
N ARG A 172 7.02 11.55 -24.48
CA ARG A 172 5.72 11.58 -25.15
C ARG A 172 4.62 11.13 -24.19
N ARG A 173 4.78 9.96 -23.57
CA ARG A 173 3.83 9.57 -22.54
C ARG A 173 3.92 10.46 -21.30
N ARG A 174 5.08 11.07 -21.06
CA ARG A 174 5.18 12.05 -19.98
C ARG A 174 4.24 13.21 -20.24
N ARG A 175 4.22 13.72 -21.48
CA ARG A 175 3.37 14.88 -21.79
C ARG A 175 1.90 14.52 -21.80
N ARG A 176 1.54 13.32 -22.26
CA ARG A 176 0.14 12.90 -22.23
C ARG A 176 -0.38 12.78 -20.81
N PHE A 177 0.51 12.42 -19.87
CA PHE A 177 0.16 12.41 -18.46
C PHE A 177 0.26 13.82 -17.87
N CYS A 178 1.34 14.53 -18.18
CA CYS A 178 1.64 15.78 -17.49
C CYS A 178 0.68 16.90 -17.87
N SER A 179 0.02 16.78 -19.02
CA SER A 179 -0.97 17.74 -19.49
C SER A 179 -2.39 17.36 -19.10
N LYS A 180 -2.56 16.25 -18.37
CA LYS A 180 -3.87 15.73 -18.03
C LYS A 180 -4.17 15.78 -16.54
N VAL A 181 -3.22 15.43 -15.68
CA VAL A 181 -3.43 15.44 -14.24
C VAL A 181 -2.27 16.15 -13.56
N GLU A 182 -2.57 16.87 -12.49
CA GLU A 182 -1.55 17.56 -11.71
C GLU A 182 -1.41 16.88 -10.36
N GLY A 183 -0.41 17.32 -9.60
CA GLY A 183 -0.20 16.83 -8.26
C GLY A 183 0.81 15.72 -8.12
N TYR A 184 1.52 15.38 -9.19
CA TYR A 184 2.55 14.35 -9.13
C TYR A 184 3.96 14.94 -9.14
N GLY A 185 4.08 16.27 -9.23
CA GLY A 185 5.32 16.92 -8.88
C GLY A 185 6.40 16.79 -9.92
N SER A 186 7.58 16.35 -9.48
CA SER A 186 8.79 16.43 -10.30
C SER A 186 8.74 15.54 -11.53
N VAL A 187 7.81 14.59 -11.60
CA VAL A 187 7.64 13.83 -12.84
C VAL A 187 7.10 14.72 -13.94
N CYS A 188 6.50 15.86 -13.57
CA CYS A 188 5.86 16.77 -14.50
C CYS A 188 6.57 18.12 -14.56
N SER A 189 7.82 18.19 -14.11
CA SER A 189 8.55 19.44 -14.00
C SER A 189 9.63 19.50 -15.07
N CYS A 190 9.50 20.48 -15.98
CA CYS A 190 10.43 20.80 -17.05
C CYS A 190 11.88 20.52 -16.65
N LYS A 191 12.32 21.17 -15.58
CA LYS A 191 13.68 21.02 -15.08
C LYS A 191 13.71 19.90 -14.06
N ASP A 192 14.77 19.09 -14.13
CA ASP A 192 14.94 17.88 -13.34
C ASP A 192 13.67 17.05 -13.46
N PRO A 193 13.43 16.41 -14.60
CA PRO A 193 12.24 15.54 -14.73
C PRO A 193 12.56 14.13 -14.24
N THR A 194 11.81 13.62 -13.25
CA THR A 194 12.17 12.34 -12.66
C THR A 194 11.84 11.18 -13.60
N PRO A 195 12.65 10.11 -13.56
CA PRO A 195 12.52 9.04 -14.56
C PRO A 195 11.14 8.40 -14.57
N ILE A 196 10.72 7.96 -15.76
CA ILE A 196 9.46 7.25 -15.97
C ILE A 196 9.66 5.82 -16.44
N GLU A 197 10.89 5.42 -16.75
CA GLU A 197 11.20 3.99 -16.83
C GLU A 197 12.49 3.76 -16.06
N PHE A 198 12.80 2.49 -15.80
CA PHE A 198 13.83 2.16 -14.84
C PHE A 198 14.83 1.18 -15.44
N SER A 199 16.04 1.20 -14.87
CA SER A 199 17.14 0.35 -15.31
C SER A 199 17.45 -0.66 -14.23
N PRO A 200 16.58 -1.63 -13.99
CA PRO A 200 16.87 -2.62 -12.95
C PRO A 200 17.95 -3.57 -13.42
N ASP A 201 18.85 -3.90 -12.51
CA ASP A 201 19.88 -4.88 -12.85
C ASP A 201 19.22 -6.18 -13.27
N PRO A 202 19.65 -6.79 -14.37
CA PRO A 202 19.02 -8.04 -14.80
C PRO A 202 19.39 -9.17 -13.85
N LEU A 203 18.40 -10.00 -13.54
CA LEU A 203 18.68 -11.17 -12.72
C LEU A 203 19.00 -12.32 -13.63
N PRO A 204 20.21 -12.87 -13.60
CA PRO A 204 20.48 -14.09 -14.38
C PRO A 204 19.70 -15.26 -13.79
N ASP A 205 19.80 -16.44 -14.39
CA ASP A 205 19.18 -17.67 -13.88
C ASP A 205 17.73 -17.46 -13.45
N ASN A 206 17.06 -16.47 -14.03
CA ASN A 206 15.75 -16.06 -13.56
C ASN A 206 14.68 -17.01 -14.09
N LYS A 207 14.03 -17.74 -13.17
CA LYS A 207 12.99 -18.69 -13.52
C LYS A 207 11.60 -18.08 -13.55
N VAL A 208 11.44 -16.84 -13.09
CA VAL A 208 10.14 -16.19 -13.02
C VAL A 208 9.88 -15.29 -14.24
N LEU A 209 10.72 -15.43 -15.29
CA LEU A 209 10.58 -14.63 -16.52
C LEU A 209 9.15 -14.58 -17.02
N ASN A 210 8.52 -15.74 -17.19
CA ASN A 210 7.24 -15.85 -17.88
C ASN A 210 6.10 -16.11 -16.92
N VAL A 211 6.23 -15.62 -15.70
CA VAL A 211 5.15 -15.62 -14.71
C VAL A 211 4.46 -14.26 -14.76
N PRO A 212 3.16 -14.20 -14.99
CA PRO A 212 2.48 -12.91 -15.03
C PRO A 212 2.43 -12.28 -13.65
N VAL A 213 2.46 -10.95 -13.63
CA VAL A 213 2.32 -10.16 -12.41
C VAL A 213 0.98 -9.44 -12.47
N ALA A 214 0.09 -9.78 -11.55
CA ALA A 214 -1.22 -9.15 -11.46
C ALA A 214 -1.20 -8.13 -10.34
N VAL A 215 -1.47 -6.87 -10.70
CA VAL A 215 -1.54 -5.78 -9.75
C VAL A 215 -3.01 -5.44 -9.53
N ILE A 216 -3.46 -5.59 -8.29
CA ILE A 216 -4.84 -5.35 -7.94
C ILE A 216 -4.95 -3.94 -7.40
N ALA A 217 -5.67 -3.09 -8.12
CA ALA A 217 -5.74 -1.68 -7.82
C ALA A 217 -7.18 -1.19 -7.89
N GLY A 218 -7.47 -0.18 -7.06
CA GLY A 218 -8.72 0.54 -7.11
C GLY A 218 -8.44 2.00 -7.41
N ASN A 219 -9.28 2.89 -6.89
CA ASN A 219 -9.18 4.32 -7.17
C ASN A 219 -8.28 5.01 -6.13
N ARG A 220 -7.01 4.61 -6.15
CA ARG A 220 -5.98 5.22 -5.30
C ARG A 220 -4.75 5.49 -6.16
N PRO A 221 -4.83 6.47 -7.05
CA PRO A 221 -3.74 6.70 -8.02
C PRO A 221 -2.42 7.04 -7.34
N ASN A 222 -2.48 7.77 -6.24
CA ASN A 222 -1.28 8.13 -5.48
C ASN A 222 -0.54 6.90 -4.96
N TYR A 223 -1.28 5.91 -4.43
CA TYR A 223 -0.64 4.67 -4.00
C TYR A 223 -0.04 3.92 -5.19
N LEU A 224 -0.82 3.76 -6.26
CA LEU A 224 -0.42 2.91 -7.37
C LEU A 224 0.84 3.44 -8.05
N TYR A 225 0.95 4.76 -8.18
CA TYR A 225 2.18 5.36 -8.72
C TYR A 225 3.39 4.96 -7.89
N ARG A 226 3.27 5.05 -6.56
CA ARG A 226 4.37 4.65 -5.70
C ARG A 226 4.69 3.17 -5.85
N MET A 227 3.65 2.33 -5.79
CA MET A 227 3.78 0.89 -5.98
C MET A 227 4.58 0.55 -7.24
N LEU A 228 4.09 1.00 -8.40
CA LEU A 228 4.72 0.66 -9.68
C LEU A 228 6.18 1.10 -9.73
N ARG A 229 6.54 2.23 -9.13
CA ARG A 229 7.94 2.65 -9.19
C ARG A 229 8.84 1.68 -8.43
N SER A 230 8.38 1.19 -7.28
CA SER A 230 9.09 0.14 -6.58
C SER A 230 9.20 -1.12 -7.43
N LEU A 231 8.06 -1.53 -8.02
CA LEU A 231 8.03 -2.76 -8.78
C LEU A 231 8.96 -2.70 -9.99
N LEU A 232 8.73 -1.74 -10.88
CA LEU A 232 9.58 -1.62 -12.08
C LEU A 232 11.04 -1.32 -11.75
N SER A 233 11.37 -1.05 -10.50
CA SER A 233 12.76 -0.91 -10.07
C SER A 233 13.34 -2.22 -9.54
N ALA A 234 12.53 -3.24 -9.33
CA ALA A 234 13.01 -4.48 -8.73
C ALA A 234 13.87 -5.28 -9.71
N GLN A 235 14.96 -5.84 -9.19
CA GLN A 235 15.87 -6.68 -9.98
C GLN A 235 15.11 -7.77 -10.71
N GLY A 236 15.23 -7.79 -12.03
CA GLY A 236 14.67 -8.87 -12.81
C GLY A 236 13.23 -8.71 -13.22
N VAL A 237 12.68 -7.50 -13.19
CA VAL A 237 11.30 -7.31 -13.60
C VAL A 237 11.19 -7.54 -15.10
N SER A 238 10.01 -8.00 -15.53
CA SER A 238 9.64 -8.05 -16.94
C SER A 238 8.34 -7.26 -17.06
N PRO A 239 8.43 -5.95 -17.30
CA PRO A 239 7.20 -5.13 -17.42
C PRO A 239 6.20 -5.68 -18.43
N GLN A 240 6.69 -6.43 -19.43
CA GLN A 240 5.83 -7.14 -20.37
C GLN A 240 4.73 -7.90 -19.66
N MET A 241 5.08 -8.59 -18.57
CA MET A 241 4.17 -9.50 -17.91
C MET A 241 3.25 -8.81 -16.90
N ILE A 242 3.51 -7.55 -16.57
CA ILE A 242 2.67 -6.82 -15.62
C ILE A 242 1.39 -6.39 -16.31
N THR A 243 0.26 -6.61 -15.65
CA THR A 243 -1.00 -5.97 -16.00
C THR A 243 -1.66 -5.49 -14.71
N VAL A 244 -2.13 -4.24 -14.73
CA VAL A 244 -2.77 -3.61 -13.58
C VAL A 244 -4.27 -3.72 -13.75
N PHE A 245 -4.94 -4.47 -12.87
CA PHE A 245 -6.39 -4.59 -12.89
C PHE A 245 -6.98 -3.54 -11.95
N ILE A 246 -7.69 -2.58 -12.52
CA ILE A 246 -8.38 -1.55 -11.75
C ILE A 246 -9.85 -1.92 -11.67
N ASP A 247 -10.44 -1.76 -10.48
CA ASP A 247 -11.82 -2.15 -10.23
C ASP A 247 -12.70 -0.91 -10.30
N GLY A 248 -13.09 -0.58 -11.53
CA GLY A 248 -13.79 0.65 -11.83
C GLY A 248 -13.14 1.37 -12.99
N TYR A 249 -13.86 2.37 -13.48
CA TYR A 249 -13.47 3.12 -14.67
C TYR A 249 -12.96 4.50 -14.29
N TYR A 250 -12.22 4.56 -13.19
CA TYR A 250 -11.54 5.78 -12.78
C TYR A 250 -10.34 6.02 -13.70
N GLU A 251 -10.26 7.21 -14.26
CA GLU A 251 -9.26 7.45 -15.31
C GLU A 251 -7.88 7.76 -14.74
N GLU A 252 -7.80 8.47 -13.60
CA GLU A 252 -6.48 8.78 -13.02
C GLU A 252 -5.66 7.53 -12.73
N PRO A 253 -6.17 6.49 -12.05
CA PRO A 253 -5.33 5.28 -11.87
C PRO A 253 -4.89 4.68 -13.19
N MET A 254 -5.74 4.74 -14.21
CA MET A 254 -5.36 4.23 -15.53
C MET A 254 -4.29 5.10 -16.17
N ASP A 255 -4.37 6.43 -16.00
CA ASP A 255 -3.33 7.29 -16.57
C ASP A 255 -1.97 7.01 -15.95
N VAL A 256 -1.92 6.62 -14.68
CA VAL A 256 -0.65 6.23 -14.07
C VAL A 256 -0.11 4.96 -14.71
N VAL A 257 -1.00 4.01 -15.00
CA VAL A 257 -0.59 2.80 -15.69
C VAL A 257 -0.02 3.14 -17.05
N ALA A 258 -0.70 4.01 -17.80
CA ALA A 258 -0.22 4.37 -19.13
C ALA A 258 1.06 5.19 -19.06
N LEU A 259 1.28 5.91 -17.96
CA LEU A 259 2.48 6.73 -17.84
C LEU A 259 3.73 5.87 -17.82
N PHE A 260 3.71 4.79 -17.05
CA PHE A 260 4.78 3.79 -17.07
C PHE A 260 4.67 2.84 -18.27
N GLY A 261 3.62 2.96 -19.08
CA GLY A 261 3.49 2.15 -20.27
C GLY A 261 3.16 0.69 -20.00
N LEU A 262 2.42 0.41 -18.95
CA LEU A 262 2.03 -0.95 -18.63
C LEU A 262 0.62 -1.23 -19.18
N ARG A 263 0.23 -2.50 -19.08
CA ARG A 263 -1.08 -2.94 -19.53
C ARG A 263 -2.09 -2.78 -18.41
N GLY A 264 -3.21 -2.12 -18.71
CA GLY A 264 -4.21 -1.81 -17.70
C GLY A 264 -5.58 -2.36 -18.06
N ILE A 265 -6.11 -3.22 -17.19
CA ILE A 265 -7.42 -3.83 -17.38
C ILE A 265 -8.39 -3.20 -16.39
N GLN A 266 -9.53 -2.74 -16.90
CA GLN A 266 -10.61 -2.26 -16.06
C GLN A 266 -11.67 -3.34 -15.88
N HIS A 267 -12.38 -3.28 -14.75
CA HIS A 267 -13.35 -4.29 -14.38
C HIS A 267 -14.56 -3.59 -13.77
N THR A 268 -15.75 -3.95 -14.24
CA THR A 268 -16.97 -3.33 -13.73
C THR A 268 -17.23 -3.82 -12.31
N PRO A 269 -17.33 -2.92 -11.34
CA PRO A 269 -17.42 -3.37 -9.95
C PRO A 269 -18.69 -4.15 -9.63
N ILE A 270 -18.53 -5.45 -9.42
CA ILE A 270 -19.57 -6.25 -8.78
C ILE A 270 -19.42 -6.05 -7.27
N SER A 271 -20.46 -5.53 -6.64
CA SER A 271 -20.37 -4.98 -5.28
C SER A 271 -21.06 -5.98 -4.32
N ILE A 272 -20.99 -5.86 -2.99
CA ILE A 272 -20.57 -4.71 -2.19
C ILE A 272 -19.38 -5.04 -1.28
N LYS A 273 -18.62 -4.01 -0.91
CA LYS A 273 -17.78 -4.04 0.28
C LYS A 273 -16.61 -5.01 0.10
N ASN A 274 -16.47 -5.99 1.00
CA ASN A 274 -15.42 -6.99 0.85
C ASN A 274 -15.78 -8.05 -0.19
N ALA A 275 -17.07 -8.30 -0.39
CA ALA A 275 -17.49 -9.09 -1.53
C ALA A 275 -17.02 -8.47 -2.84
N ARG A 276 -17.08 -7.14 -2.93
CA ARG A 276 -16.69 -6.46 -4.16
C ARG A 276 -15.20 -6.61 -4.45
N VAL A 277 -14.37 -6.47 -3.42
CA VAL A 277 -12.94 -6.79 -3.56
C VAL A 277 -12.78 -8.25 -3.95
N SER A 278 -13.57 -9.13 -3.32
CA SER A 278 -13.45 -10.55 -3.60
C SER A 278 -13.75 -10.85 -5.06
N GLN A 279 -14.76 -10.19 -5.64
CA GLN A 279 -15.08 -10.45 -7.05
C GLN A 279 -14.04 -9.85 -7.98
N HIS A 280 -13.42 -8.74 -7.60
CA HIS A 280 -12.33 -8.20 -8.39
C HIS A 280 -11.14 -9.14 -8.42
N TYR A 281 -10.80 -9.73 -7.26
CA TYR A 281 -9.74 -10.73 -7.22
C TYR A 281 -10.06 -11.91 -8.12
N LYS A 282 -11.25 -12.48 -7.99
CA LYS A 282 -11.69 -13.55 -8.89
C LYS A 282 -11.55 -13.12 -10.35
N ALA A 283 -12.21 -12.02 -10.74
CA ALA A 283 -12.16 -11.58 -12.13
C ALA A 283 -10.73 -11.39 -12.61
N SER A 284 -9.90 -10.74 -11.79
CA SER A 284 -8.52 -10.48 -12.19
C SER A 284 -7.71 -11.78 -12.31
N LEU A 285 -7.98 -12.76 -11.45
CA LEU A 285 -7.18 -13.99 -11.48
C LEU A 285 -7.49 -14.83 -12.72
N THR A 286 -8.78 -15.07 -12.99
CA THR A 286 -9.15 -15.72 -14.25
C THR A 286 -8.60 -14.96 -15.44
N ALA A 287 -8.64 -13.63 -15.38
CA ALA A 287 -8.16 -12.82 -16.50
C ALA A 287 -6.67 -13.02 -16.72
N THR A 288 -5.89 -13.08 -15.64
CA THR A 288 -4.45 -13.25 -15.76
C THR A 288 -4.10 -14.56 -16.45
N PHE A 289 -4.78 -15.64 -16.09
CA PHE A 289 -4.54 -16.92 -16.73
C PHE A 289 -5.15 -17.01 -18.11
N ASN A 290 -6.03 -16.07 -18.48
CA ASN A 290 -6.50 -16.01 -19.86
C ASN A 290 -5.53 -15.22 -20.73
N LEU A 291 -4.94 -14.15 -20.18
CA LEU A 291 -3.94 -13.40 -20.92
C LEU A 291 -2.67 -14.21 -21.09
N PHE A 292 -2.43 -15.19 -20.21
CA PHE A 292 -1.21 -15.98 -20.23
C PHE A 292 -1.60 -17.44 -20.02
N PRO A 293 -2.03 -18.15 -21.09
CA PRO A 293 -2.48 -19.53 -20.92
C PRO A 293 -1.35 -20.53 -20.72
N GLU A 294 -0.12 -20.16 -21.04
CA GLU A 294 1.05 -21.02 -20.81
C GLU A 294 1.66 -20.79 -19.44
N ALA A 295 1.02 -20.00 -18.60
CA ALA A 295 1.59 -19.57 -17.33
C ALA A 295 1.20 -20.55 -16.23
N LYS A 296 2.20 -21.16 -15.60
CA LYS A 296 1.99 -22.10 -14.50
C LYS A 296 1.68 -21.39 -13.19
N PHE A 297 2.11 -20.15 -13.01
CA PHE A 297 1.92 -19.41 -11.77
C PHE A 297 1.42 -18.01 -12.09
N ALA A 298 1.19 -17.24 -11.02
CA ALA A 298 0.79 -15.84 -11.15
C ALA A 298 1.16 -15.12 -9.86
N VAL A 299 1.86 -13.98 -10.01
CA VAL A 299 2.22 -13.15 -8.87
C VAL A 299 1.10 -12.16 -8.65
N VAL A 300 0.69 -11.99 -7.39
CA VAL A 300 -0.41 -11.11 -7.05
C VAL A 300 0.11 -10.06 -6.08
N LEU A 301 0.10 -8.81 -6.53
CA LEU A 301 0.49 -7.66 -5.73
C LEU A 301 -0.65 -6.66 -5.71
N GLU A 302 -0.94 -6.10 -4.53
CA GLU A 302 -1.91 -5.03 -4.43
C GLU A 302 -1.19 -3.67 -4.42
N GLU A 303 -1.96 -2.63 -4.73
CA GLU A 303 -1.38 -1.33 -5.05
C GLU A 303 -0.79 -0.63 -3.84
N ASP A 304 -1.07 -1.09 -2.62
CA ASP A 304 -0.55 -0.45 -1.42
C ASP A 304 0.71 -1.12 -0.89
N LEU A 305 1.58 -1.62 -1.77
CA LEU A 305 2.74 -2.39 -1.36
C LEU A 305 4.00 -1.84 -2.00
N ASP A 306 5.04 -1.65 -1.18
CA ASP A 306 6.39 -1.47 -1.68
C ASP A 306 7.02 -2.82 -1.98
N ILE A 307 7.69 -2.90 -3.14
CA ILE A 307 8.28 -4.16 -3.61
C ILE A 307 9.78 -4.12 -3.38
N ALA A 308 10.29 -5.07 -2.60
CA ALA A 308 11.70 -5.08 -2.25
C ALA A 308 12.56 -5.26 -3.48
N VAL A 309 13.84 -4.88 -3.35
CA VAL A 309 14.75 -4.86 -4.49
C VAL A 309 14.86 -6.26 -5.09
N ASP A 310 15.08 -7.27 -4.25
CA ASP A 310 15.29 -8.64 -4.68
C ASP A 310 14.01 -9.46 -4.74
N PHE A 311 12.85 -8.81 -4.90
CA PHE A 311 11.58 -9.54 -4.81
C PHE A 311 11.52 -10.67 -5.83
N PHE A 312 11.98 -10.41 -7.05
CA PHE A 312 12.03 -11.43 -8.07
C PHE A 312 13.28 -12.29 -7.99
N SER A 313 14.35 -11.76 -7.39
CA SER A 313 15.44 -12.62 -6.96
C SER A 313 14.94 -13.65 -5.96
N PHE A 314 14.12 -13.22 -5.00
CA PHE A 314 13.62 -14.11 -3.97
C PHE A 314 12.60 -15.12 -4.51
N LEU A 315 11.83 -14.74 -5.54
CA LEU A 315 10.89 -15.68 -6.13
C LEU A 315 11.60 -16.70 -7.02
N SER A 316 12.53 -16.25 -7.85
CA SER A 316 13.21 -17.16 -8.77
C SER A 316 13.88 -18.30 -8.03
N GLN A 317 14.55 -18.00 -6.91
CA GLN A 317 15.21 -19.05 -6.14
C GLN A 317 14.24 -20.05 -5.54
N SER A 318 13.03 -19.61 -5.20
CA SER A 318 12.12 -20.38 -4.37
C SER A 318 10.92 -20.96 -5.12
N ILE A 319 10.71 -20.60 -6.38
CA ILE A 319 9.46 -20.98 -7.03
C ILE A 319 9.43 -22.46 -7.40
N HIS A 320 10.60 -23.10 -7.54
CA HIS A 320 10.61 -24.53 -7.81
C HIS A 320 9.95 -25.31 -6.69
N LEU A 321 10.03 -24.80 -5.46
CA LEU A 321 9.34 -25.45 -4.34
C LEU A 321 7.86 -25.59 -4.60
N LEU A 322 7.25 -24.61 -5.28
CA LEU A 322 5.81 -24.67 -5.48
C LEU A 322 5.41 -25.85 -6.36
N GLU A 323 6.16 -26.13 -7.42
CA GLU A 323 5.78 -27.23 -8.28
C GLU A 323 6.34 -28.58 -7.82
N GLU A 324 7.41 -28.58 -7.02
CA GLU A 324 8.00 -29.82 -6.54
C GLU A 324 7.37 -30.32 -5.24
N ASP A 325 6.54 -29.50 -4.58
CA ASP A 325 5.96 -29.86 -3.29
C ASP A 325 4.50 -29.41 -3.31
N ASP A 326 3.59 -30.35 -3.54
CA ASP A 326 2.16 -30.04 -3.63
C ASP A 326 1.51 -29.79 -2.27
N SER A 327 2.23 -29.99 -1.17
CA SER A 327 1.72 -29.59 0.14
C SER A 327 1.88 -28.09 0.39
N LEU A 328 2.28 -27.33 -0.62
CA LEU A 328 2.46 -25.89 -0.51
C LEU A 328 1.27 -25.17 -1.12
N TYR A 329 0.72 -24.24 -0.36
CA TYR A 329 -0.42 -23.43 -0.78
C TYR A 329 0.04 -22.26 -1.65
N CYS A 330 1.16 -21.65 -1.32
CA CYS A 330 1.57 -20.41 -1.95
C CYS A 330 3.02 -20.14 -1.60
N ILE A 331 3.56 -19.08 -2.19
CA ILE A 331 4.73 -18.40 -1.67
C ILE A 331 4.32 -16.96 -1.42
N SER A 332 4.68 -16.44 -0.26
CA SER A 332 4.33 -15.08 0.13
C SER A 332 5.59 -14.29 0.45
N ALA A 333 5.50 -12.99 0.21
CA ALA A 333 6.60 -12.08 0.52
C ALA A 333 6.52 -11.52 1.93
N TRP A 334 5.48 -11.89 2.70
CA TRP A 334 5.09 -11.16 3.89
C TRP A 334 5.10 -12.08 5.11
N ASN A 335 6.00 -11.81 6.04
CA ASN A 335 6.08 -12.50 7.34
C ASN A 335 5.27 -11.68 8.35
N ASP A 336 4.08 -12.17 8.70
CA ASP A 336 3.20 -11.52 9.66
C ASP A 336 3.93 -11.12 10.94
N GLN A 337 4.79 -12.01 11.43
CA GLN A 337 5.49 -11.80 12.69
C GLN A 337 6.84 -11.10 12.51
N GLY A 338 7.23 -10.76 11.29
CA GLY A 338 8.57 -10.23 11.07
C GLY A 338 8.69 -8.72 11.15
N TYR A 339 8.76 -8.18 12.36
CA TYR A 339 9.01 -6.77 12.57
C TYR A 339 10.52 -6.54 12.71
N GLU A 340 10.91 -5.25 12.80
CA GLU A 340 12.32 -4.92 12.77
C GLU A 340 13.08 -5.54 13.95
N HIS A 341 12.40 -5.79 15.06
CA HIS A 341 13.06 -6.33 16.24
C HIS A 341 12.90 -7.84 16.39
N THR A 342 12.16 -8.49 15.49
CA THR A 342 11.95 -9.92 15.56
C THR A 342 12.35 -10.67 14.28
N ALA A 343 12.92 -9.97 13.30
CA ALA A 343 13.39 -10.58 12.07
C ALA A 343 14.80 -10.10 11.79
N GLU A 344 15.68 -11.01 11.35
CA GLU A 344 17.06 -10.62 11.09
C GLU A 344 17.68 -11.27 9.86
N ASP A 345 17.45 -12.56 9.64
CA ASP A 345 18.16 -13.28 8.58
C ASP A 345 17.45 -13.10 7.25
N PRO A 346 18.04 -12.41 6.28
CA PRO A 346 17.38 -12.25 4.98
C PRO A 346 17.45 -13.49 4.11
N ALA A 347 18.44 -14.36 4.32
CA ALA A 347 18.59 -15.59 3.53
C ALA A 347 17.66 -16.69 3.99
N LEU A 348 16.88 -16.48 5.04
CA LEU A 348 16.15 -17.53 5.73
C LEU A 348 14.70 -17.60 5.26
N LEU A 349 14.12 -18.80 5.32
CA LEU A 349 12.75 -19.03 4.87
C LEU A 349 12.04 -19.96 5.86
N TYR A 350 10.71 -19.81 5.95
CA TYR A 350 9.85 -20.58 6.85
C TYR A 350 8.72 -21.24 6.07
N ARG A 351 8.10 -22.23 6.70
CA ARG A 351 6.79 -22.76 6.30
C ARG A 351 5.78 -22.41 7.41
N VAL A 352 4.66 -21.82 7.02
CA VAL A 352 3.61 -21.44 7.96
C VAL A 352 2.26 -21.95 7.46
N GLU A 353 1.41 -22.33 8.40
CA GLU A 353 0.08 -22.88 8.10
C GLU A 353 -0.94 -21.76 7.92
N THR A 354 -0.64 -20.84 7.01
CA THR A 354 -1.52 -19.72 6.73
C THR A 354 -1.20 -19.19 5.33
N MET A 355 -1.99 -18.21 4.90
CA MET A 355 -1.89 -17.64 3.56
C MET A 355 -1.80 -16.14 3.76
N PRO A 356 -0.60 -15.57 3.80
CA PRO A 356 -0.47 -14.19 4.27
C PRO A 356 -0.91 -13.15 3.25
N GLY A 357 -0.89 -13.47 1.96
CA GLY A 357 -1.19 -12.44 0.97
C GLY A 357 -0.05 -11.44 0.85
N LEU A 358 -0.43 -10.19 0.56
CA LEU A 358 0.49 -9.05 0.52
C LEU A 358 1.74 -9.38 -0.31
N GLY A 359 1.49 -9.64 -1.60
CA GLY A 359 2.55 -10.11 -2.47
C GLY A 359 2.75 -11.61 -2.34
N TRP A 360 2.02 -12.38 -3.14
CA TRP A 360 2.04 -13.84 -3.05
C TRP A 360 2.02 -14.43 -4.45
N VAL A 361 2.36 -15.71 -4.53
CA VAL A 361 2.41 -16.43 -5.80
C VAL A 361 1.34 -17.52 -5.76
N LEU A 362 0.43 -17.45 -6.72
CA LEU A 362 -0.64 -18.43 -6.88
C LEU A 362 -0.31 -19.32 -8.06
N ARG A 363 -0.46 -20.64 -7.88
CA ARG A 363 -0.23 -21.58 -8.96
C ARG A 363 -1.51 -21.73 -9.78
N ARG A 364 -1.33 -21.88 -11.10
CA ARG A 364 -2.48 -21.91 -11.99
C ARG A 364 -3.40 -23.07 -11.67
N SER A 365 -2.82 -24.25 -11.42
CA SER A 365 -3.62 -25.44 -11.14
C SER A 365 -4.53 -25.23 -9.94
N LEU A 366 -3.97 -24.73 -8.84
CA LEU A 366 -4.78 -24.47 -7.64
C LEU A 366 -5.96 -23.55 -7.94
N TYR A 367 -5.74 -22.51 -8.75
CA TYR A 367 -6.79 -21.53 -8.96
C TYR A 367 -7.92 -22.10 -9.81
N LYS A 368 -7.58 -22.61 -10.99
CA LYS A 368 -8.61 -23.02 -11.94
C LYS A 368 -9.18 -24.40 -11.61
N GLU A 369 -8.48 -25.23 -10.83
CA GLU A 369 -8.96 -26.57 -10.52
C GLU A 369 -9.66 -26.66 -9.18
N GLU A 370 -9.33 -25.80 -8.22
CA GLU A 370 -9.96 -25.85 -6.91
C GLU A 370 -10.64 -24.54 -6.54
N LEU A 371 -9.95 -23.40 -6.64
CA LEU A 371 -10.44 -22.17 -6.04
C LEU A 371 -11.54 -21.52 -6.87
N GLU A 372 -11.26 -21.21 -8.13
CA GLU A 372 -12.24 -20.52 -8.98
C GLU A 372 -13.60 -21.21 -9.08
N PRO A 373 -13.72 -22.54 -9.18
CA PRO A 373 -15.05 -23.15 -9.26
C PRO A 373 -15.90 -22.91 -8.03
N LYS A 374 -15.30 -22.81 -6.84
CA LYS A 374 -16.04 -22.62 -5.60
C LYS A 374 -15.88 -21.22 -5.03
N TRP A 375 -15.45 -20.26 -5.84
CA TRP A 375 -15.24 -18.92 -5.32
C TRP A 375 -16.57 -18.35 -4.83
N PRO A 376 -16.60 -17.75 -3.63
CA PRO A 376 -17.87 -17.28 -3.06
C PRO A 376 -18.60 -16.31 -3.97
N THR A 377 -19.93 -16.46 -4.00
CA THR A 377 -20.78 -15.62 -4.83
C THR A 377 -20.73 -14.17 -4.37
N PRO A 378 -21.18 -13.23 -5.21
CA PRO A 378 -21.25 -11.83 -4.76
C PRO A 378 -22.24 -11.59 -3.65
N GLU A 379 -23.16 -12.53 -3.40
CA GLU A 379 -24.13 -12.35 -2.33
C GLU A 379 -23.44 -12.28 -0.97
N LYS A 380 -22.34 -13.01 -0.81
CA LYS A 380 -21.72 -13.19 0.49
C LYS A 380 -20.60 -12.19 0.71
N LEU A 381 -20.57 -11.59 1.90
CA LEU A 381 -19.60 -10.56 2.24
C LEU A 381 -18.49 -11.15 3.09
N TRP A 382 -17.69 -11.98 2.44
CA TRP A 382 -16.52 -12.60 3.05
C TRP A 382 -15.26 -11.98 2.47
N ASP A 383 -14.27 -11.77 3.33
CA ASP A 383 -12.95 -11.41 2.84
C ASP A 383 -12.36 -12.56 2.04
N TRP A 384 -11.83 -12.25 0.84
CA TRP A 384 -11.30 -13.30 -0.01
C TRP A 384 -10.17 -14.06 0.68
N ASP A 385 -9.30 -13.35 1.40
CA ASP A 385 -8.11 -13.99 1.97
C ASP A 385 -8.47 -14.86 3.18
N MET A 386 -9.35 -14.37 4.06
CA MET A 386 -9.87 -15.24 5.12
C MET A 386 -10.50 -16.50 4.55
N TRP A 387 -11.26 -16.37 3.46
CA TRP A 387 -11.84 -17.55 2.82
C TRP A 387 -10.76 -18.47 2.28
N MET A 388 -9.71 -17.91 1.68
CA MET A 388 -8.60 -18.75 1.23
C MET A 388 -7.81 -19.36 2.39
N ARG A 389 -8.02 -18.90 3.63
CA ARG A 389 -7.31 -19.45 4.78
C ARG A 389 -8.15 -20.47 5.56
N MET A 390 -9.39 -20.68 5.16
CA MET A 390 -10.21 -21.67 5.83
C MET A 390 -9.85 -23.08 5.33
N PRO A 391 -10.03 -24.10 6.18
CA PRO A 391 -9.49 -25.43 5.86
C PRO A 391 -10.01 -26.06 4.59
N GLU A 392 -11.22 -25.71 4.14
CA GLU A 392 -11.71 -26.29 2.88
C GLU A 392 -10.88 -25.81 1.70
N GLN A 393 -10.34 -24.60 1.77
CA GLN A 393 -9.53 -24.04 0.71
C GLN A 393 -8.06 -24.39 0.89
N ARG A 394 -7.52 -24.13 2.08
CA ARG A 394 -6.10 -24.40 2.29
C ARG A 394 -5.82 -25.89 2.35
N ARG A 395 -6.77 -26.67 2.87
CA ARG A 395 -6.64 -28.12 3.00
C ARG A 395 -5.32 -28.50 3.66
N GLY A 396 -4.93 -27.74 4.68
CA GLY A 396 -3.74 -28.03 5.43
C GLY A 396 -2.44 -27.76 4.73
N ARG A 397 -2.46 -27.08 3.59
CA ARG A 397 -1.23 -26.73 2.93
C ARG A 397 -0.58 -25.51 3.60
N GLU A 398 0.68 -25.29 3.29
CA GLU A 398 1.47 -24.24 3.92
C GLU A 398 1.99 -23.29 2.86
N CYS A 399 2.56 -22.18 3.33
CA CYS A 399 3.09 -21.13 2.47
C CYS A 399 4.53 -20.85 2.87
N ILE A 400 5.40 -20.71 1.87
CA ILE A 400 6.77 -20.27 2.09
C ILE A 400 6.78 -18.77 2.32
N ILE A 401 7.45 -18.35 3.38
CA ILE A 401 7.63 -16.92 3.64
C ILE A 401 9.11 -16.68 3.94
N PRO A 402 9.59 -15.46 3.77
CA PRO A 402 10.94 -15.12 4.21
C PRO A 402 10.92 -14.47 5.58
N ASP A 403 12.00 -14.60 6.36
CA ASP A 403 12.01 -14.01 7.70
C ASP A 403 11.95 -12.49 7.64
N VAL A 404 12.68 -11.89 6.71
CA VAL A 404 12.56 -10.48 6.40
C VAL A 404 11.72 -10.35 5.13
N SER A 405 10.66 -9.57 5.21
CA SER A 405 9.66 -9.54 4.16
C SER A 405 10.22 -8.86 2.91
N ARG A 406 9.64 -9.21 1.77
CA ARG A 406 10.00 -8.59 0.50
C ARG A 406 8.90 -7.65 0.00
N SER A 407 7.85 -7.44 0.80
CA SER A 407 6.86 -6.42 0.52
C SER A 407 6.62 -5.61 1.79
N TYR A 408 6.38 -4.32 1.61
CA TYR A 408 6.02 -3.43 2.70
C TYR A 408 4.65 -2.83 2.41
N HIS A 409 3.81 -2.78 3.43
CA HIS A 409 2.43 -2.32 3.32
C HIS A 409 2.37 -0.89 3.85
N PHE A 410 2.11 0.07 2.96
CA PHE A 410 2.07 1.50 3.32
C PHE A 410 0.65 2.06 3.26
N GLY A 411 -0.32 1.29 3.73
CA GLY A 411 -1.70 1.74 3.71
C GLY A 411 -2.02 2.58 4.94
N ILE A 412 -2.66 3.72 4.71
CA ILE A 412 -3.27 4.55 5.75
C ILE A 412 -2.21 5.14 6.69
N LYS A 428 6.67 -0.10 10.98
CA LYS A 428 7.64 -0.73 11.87
C LYS A 428 7.90 -2.16 11.44
N HIS A 429 7.32 -2.56 10.31
CA HIS A 429 7.54 -3.89 9.77
C HIS A 429 8.87 -3.94 9.02
N LYS A 430 9.60 -5.03 9.19
CA LYS A 430 10.91 -5.14 8.57
C LYS A 430 10.80 -5.47 7.09
N PHE A 431 11.64 -4.81 6.29
CA PHE A 431 11.56 -4.81 4.84
C PHE A 431 12.98 -4.87 4.28
N ASN A 432 13.20 -5.77 3.33
CA ASN A 432 14.56 -6.04 2.87
C ASN A 432 15.02 -4.95 1.92
N THR A 433 16.19 -4.38 2.21
CA THR A 433 16.88 -3.44 1.33
C THR A 433 18.07 -4.05 0.62
N VAL A 434 18.66 -5.11 1.18
CA VAL A 434 19.85 -5.73 0.58
C VAL A 434 19.45 -6.42 -0.73
N PRO A 435 20.18 -6.19 -1.83
CA PRO A 435 19.81 -6.80 -3.12
C PRO A 435 20.55 -8.10 -3.40
N GLY A 436 20.02 -8.90 -4.31
CA GLY A 436 20.68 -10.13 -4.75
C GLY A 436 21.03 -11.10 -3.65
N VAL A 437 20.10 -11.35 -2.73
CA VAL A 437 20.37 -12.21 -1.59
C VAL A 437 20.24 -13.67 -2.02
N GLN A 438 21.22 -14.48 -1.65
CA GLN A 438 21.18 -15.92 -1.88
C GLN A 438 20.52 -16.60 -0.70
N LEU A 439 19.35 -17.19 -0.93
CA LEU A 439 18.66 -17.93 0.10
C LEU A 439 19.46 -19.17 0.50
N ARG A 440 19.46 -19.49 1.79
CA ARG A 440 20.22 -20.61 2.31
C ARG A 440 19.33 -21.86 2.37
N ASN A 441 19.84 -22.96 1.84
CA ASN A 441 19.21 -24.28 1.93
C ASN A 441 17.75 -24.22 1.52
N VAL A 442 17.53 -23.81 0.27
CA VAL A 442 16.16 -23.62 -0.24
C VAL A 442 15.41 -24.94 -0.21
N ASP A 443 16.04 -26.02 -0.68
CA ASP A 443 15.36 -27.29 -0.81
C ASP A 443 14.99 -27.90 0.54
N SER A 444 15.58 -27.40 1.63
CA SER A 444 15.18 -27.82 2.96
C SER A 444 13.80 -27.29 3.36
N LEU A 445 12.96 -26.82 2.45
CA LEU A 445 11.62 -26.37 2.78
C LEU A 445 10.54 -27.23 2.15
N LYS A 446 10.92 -28.22 1.35
CA LYS A 446 9.98 -29.28 1.03
C LYS A 446 9.55 -29.97 2.32
N LYS A 447 8.38 -30.59 2.27
CA LYS A 447 7.66 -30.96 3.49
C LYS A 447 8.55 -31.72 4.47
N GLU A 448 9.12 -32.84 4.01
CA GLU A 448 9.86 -33.69 4.93
C GLU A 448 11.20 -33.08 5.30
N ALA A 449 11.88 -32.43 4.34
CA ALA A 449 13.19 -31.87 4.63
C ALA A 449 13.11 -30.74 5.65
N TYR A 450 12.04 -29.94 5.59
CA TYR A 450 11.82 -28.91 6.60
C TYR A 450 11.70 -29.52 7.98
N GLU A 451 11.02 -30.67 8.08
CA GLU A 451 10.86 -31.34 9.37
C GLU A 451 12.20 -31.83 9.90
N VAL A 452 13.07 -32.29 8.99
CA VAL A 452 14.44 -32.64 9.39
C VAL A 452 15.10 -31.46 10.08
N GLU A 453 15.06 -30.29 9.43
CA GLU A 453 15.76 -29.14 9.96
C GLU A 453 15.13 -28.63 11.26
N VAL A 454 13.80 -28.68 11.35
CA VAL A 454 13.15 -28.24 12.58
C VAL A 454 13.67 -29.05 13.76
N HIS A 455 13.60 -30.38 13.67
CA HIS A 455 14.17 -31.23 14.72
C HIS A 455 15.64 -30.91 14.95
N ARG A 456 16.39 -30.78 13.85
CA ARG A 456 17.79 -30.35 13.92
C ARG A 456 17.95 -29.10 14.76
N LEU A 457 17.07 -28.12 14.56
CA LEU A 457 17.20 -26.87 15.30
C LEU A 457 16.83 -27.04 16.77
N LEU A 458 15.84 -27.88 17.09
CA LEU A 458 15.51 -28.09 18.49
C LEU A 458 16.54 -28.94 19.22
N SER A 459 17.32 -29.75 18.48
CA SER A 459 18.35 -30.56 19.13
C SER A 459 19.56 -29.72 19.54
N GLU A 460 19.87 -28.67 18.78
CA GLU A 460 21.01 -27.82 19.07
C GLU A 460 20.65 -26.60 19.92
N ALA A 461 19.37 -26.34 20.13
CA ALA A 461 18.94 -25.09 20.76
C ALA A 461 18.89 -25.22 22.27
N GLU A 462 19.27 -24.14 22.95
CA GLU A 462 19.38 -24.12 24.40
C GLU A 462 18.02 -23.77 25.02
N VAL A 463 17.54 -24.62 25.93
CA VAL A 463 16.28 -24.38 26.61
C VAL A 463 16.43 -23.21 27.56
N LEU A 464 15.35 -22.47 27.76
CA LEU A 464 15.35 -21.24 28.52
C LEU A 464 14.84 -21.44 29.95
N ASP A 465 15.02 -20.39 30.76
CA ASP A 465 14.54 -20.36 32.14
C ASP A 465 13.07 -19.95 32.10
N HIS A 466 12.18 -20.94 32.19
CA HIS A 466 10.74 -20.74 32.04
C HIS A 466 10.05 -20.26 33.30
N SER A 467 10.78 -19.98 34.38
CA SER A 467 10.20 -19.26 35.51
C SER A 467 10.56 -17.78 35.50
N LYS A 468 11.49 -17.37 34.63
CA LYS A 468 11.74 -15.97 34.36
C LYS A 468 10.65 -15.44 33.42
N ASN A 469 10.56 -14.11 33.33
CA ASN A 469 9.43 -13.50 32.66
C ASN A 469 9.66 -13.48 31.15
N PRO A 470 8.72 -14.00 30.35
CA PRO A 470 8.95 -14.05 28.89
C PRO A 470 8.76 -12.72 28.19
N CYS A 471 8.13 -11.73 28.82
CA CYS A 471 7.80 -10.50 28.11
C CYS A 471 8.94 -9.50 28.06
N GLU A 472 9.99 -9.71 28.87
CA GLU A 472 11.10 -8.79 28.94
C GLU A 472 12.36 -9.42 28.35
N ASP A 473 13.30 -8.56 27.97
CA ASP A 473 14.59 -9.01 27.44
C ASP A 473 15.35 -9.86 28.46
N SER A 474 15.06 -9.69 29.76
CA SER A 474 15.63 -10.57 30.78
C SER A 474 15.49 -12.04 30.42
N PHE A 475 14.48 -12.38 29.62
CA PHE A 475 14.23 -13.76 29.22
C PHE A 475 15.39 -14.38 28.44
N LEU A 476 16.09 -13.58 27.64
CA LEU A 476 17.09 -14.14 26.75
C LEU A 476 18.48 -13.67 27.15
N PRO A 477 19.43 -14.60 27.29
CA PRO A 477 20.81 -14.23 27.62
C PRO A 477 21.35 -13.14 26.70
N ASP A 478 22.27 -12.34 27.24
CA ASP A 478 22.85 -11.19 26.54
C ASP A 478 23.91 -11.71 25.57
N THR A 479 23.45 -12.16 24.41
CA THR A 479 24.31 -12.81 23.43
C THR A 479 23.71 -12.64 22.04
N GLU A 480 24.48 -13.03 21.03
CA GLU A 480 24.05 -12.95 19.64
C GLU A 480 24.54 -14.19 18.91
N GLY A 481 23.66 -14.83 18.15
CA GLY A 481 24.01 -15.97 17.33
C GLY A 481 23.40 -17.29 17.80
N HIS A 482 23.20 -17.45 19.10
CA HIS A 482 22.64 -18.69 19.61
C HIS A 482 21.16 -18.80 19.23
N THR A 483 20.65 -20.02 19.31
CA THR A 483 19.23 -20.31 19.08
C THR A 483 18.63 -20.91 20.35
N TYR A 484 17.43 -20.43 20.72
CA TYR A 484 16.82 -20.76 22.00
C TYR A 484 15.41 -21.32 21.78
N VAL A 485 14.89 -21.95 22.84
CA VAL A 485 13.55 -22.52 22.83
C VAL A 485 12.79 -22.06 24.07
N ALA A 486 11.50 -21.82 23.89
CA ALA A 486 10.57 -21.65 24.99
C ALA A 486 9.34 -22.49 24.70
N PHE A 487 8.68 -22.94 25.77
CA PHE A 487 7.49 -23.77 25.66
C PHE A 487 6.32 -23.09 26.36
N ILE A 488 5.18 -23.04 25.67
CA ILE A 488 3.99 -22.35 26.15
C ILE A 488 2.82 -23.31 26.19
N ARG A 489 1.85 -23.01 27.06
CA ARG A 489 0.66 -23.83 27.20
C ARG A 489 -0.23 -23.68 25.97
N MET A 490 -0.40 -24.78 25.23
CA MET A 490 -1.32 -24.84 24.09
C MET A 490 -2.07 -26.17 24.22
N GLU A 491 -3.25 -26.14 24.84
CA GLU A 491 -3.94 -27.37 25.22
C GLU A 491 -4.41 -28.15 24.00
N LYS A 492 -5.08 -27.49 23.06
CA LYS A 492 -5.43 -28.08 21.77
C LYS A 492 -4.68 -27.37 20.66
N ASP A 493 -4.76 -27.90 19.45
CA ASP A 493 -4.21 -27.16 18.32
C ASP A 493 -5.00 -25.89 18.04
N ASP A 494 -6.02 -25.60 18.84
CA ASP A 494 -6.89 -24.44 18.71
C ASP A 494 -6.71 -23.45 19.87
N ASP A 495 -5.87 -23.76 20.84
CA ASP A 495 -5.69 -22.94 22.04
C ASP A 495 -4.49 -22.03 21.84
N PHE A 496 -4.77 -20.76 21.49
CA PHE A 496 -3.72 -19.77 21.29
C PHE A 496 -3.74 -18.68 22.35
N THR A 497 -4.38 -18.95 23.50
CA THR A 497 -4.45 -17.98 24.59
C THR A 497 -3.07 -17.44 24.94
N THR A 498 -2.17 -18.34 25.35
CA THR A 498 -0.85 -17.91 25.81
C THR A 498 -0.06 -17.26 24.68
N TRP A 499 -0.12 -17.83 23.47
CA TRP A 499 0.64 -17.26 22.37
C TRP A 499 0.15 -15.86 22.02
N THR A 500 -1.16 -15.69 21.93
CA THR A 500 -1.74 -14.36 21.70
C THR A 500 -1.21 -13.36 22.72
N GLN A 501 -1.26 -13.73 24.00
CA GLN A 501 -0.76 -12.85 25.06
C GLN A 501 0.73 -12.60 24.91
N LEU A 502 1.50 -13.66 24.69
CA LEU A 502 2.92 -13.52 24.39
C LEU A 502 3.10 -12.53 23.24
N ALA A 503 2.46 -12.82 22.10
CA ALA A 503 2.51 -11.97 20.92
C ALA A 503 2.34 -10.48 21.25
N LYS A 504 1.41 -10.15 22.14
CA LYS A 504 1.20 -8.75 22.49
C LYS A 504 2.46 -8.11 23.07
N CYS A 505 3.05 -8.75 24.08
CA CYS A 505 4.06 -8.05 24.86
C CYS A 505 5.43 -7.99 24.20
N LEU A 506 5.68 -8.78 23.14
CA LEU A 506 6.83 -8.49 22.29
C LEU A 506 6.49 -7.47 21.22
N HIS A 507 5.23 -7.02 21.18
CA HIS A 507 4.82 -5.90 20.34
C HIS A 507 4.86 -6.28 18.85
N ILE A 508 4.43 -7.51 18.54
CA ILE A 508 4.27 -7.93 17.16
C ILE A 508 2.79 -8.21 16.94
N TRP A 509 2.43 -8.75 15.78
CA TRP A 509 1.01 -8.93 15.43
C TRP A 509 0.31 -9.83 16.46
N ASP A 510 -0.83 -9.35 16.98
CA ASP A 510 -1.51 -9.98 18.10
C ASP A 510 -2.95 -10.40 17.83
N LEU A 511 -3.58 -9.86 16.78
CA LEU A 511 -5.02 -10.04 16.60
C LEU A 511 -5.38 -11.49 16.32
N ASP A 512 -4.85 -12.05 15.23
CA ASP A 512 -5.08 -13.45 14.88
C ASP A 512 -3.76 -14.22 14.91
N VAL A 513 -3.87 -15.52 14.72
CA VAL A 513 -2.78 -16.43 15.05
C VAL A 513 -2.06 -16.80 13.75
N ARG A 514 -0.87 -16.24 13.55
CA ARG A 514 -0.15 -16.39 12.30
C ARG A 514 1.26 -16.91 12.58
N GLY A 515 1.89 -17.44 11.54
CA GLY A 515 3.25 -17.92 11.66
C GLY A 515 3.46 -19.16 12.49
N ASN A 516 2.43 -19.98 12.66
CA ASN A 516 2.58 -21.24 13.39
C ASN A 516 2.81 -22.38 12.40
N HIS A 517 3.67 -23.33 12.78
CA HIS A 517 3.91 -24.52 11.97
C HIS A 517 3.93 -25.72 12.90
N ARG A 518 2.88 -26.53 12.84
CA ARG A 518 2.70 -27.67 13.74
C ARG A 518 2.90 -27.27 15.20
N GLY A 519 2.43 -26.07 15.56
CA GLY A 519 2.57 -25.58 16.91
C GLY A 519 3.90 -24.91 17.21
N LEU A 520 4.68 -24.58 16.18
CA LEU A 520 5.98 -23.95 16.35
C LEU A 520 5.95 -22.57 15.71
N TRP A 521 6.36 -21.57 16.47
CA TRP A 521 6.57 -20.21 15.96
C TRP A 521 8.06 -19.92 15.92
N ARG A 522 8.52 -19.36 14.81
CA ARG A 522 9.92 -19.00 14.65
C ARG A 522 10.05 -17.48 14.53
N LEU A 523 10.90 -16.92 15.38
CA LEU A 523 11.03 -15.48 15.57
C LEU A 523 12.48 -15.21 15.98
N PHE A 524 12.85 -13.94 16.10
CA PHE A 524 14.16 -13.55 16.61
C PHE A 524 13.98 -12.61 17.80
N ARG A 525 14.67 -12.89 18.90
CA ARG A 525 14.70 -11.99 20.04
C ARG A 525 16.14 -11.63 20.35
N LYS A 526 16.44 -10.33 20.34
CA LYS A 526 17.78 -9.81 20.64
C LYS A 526 18.84 -10.46 19.76
N LYS A 527 18.59 -10.45 18.45
CA LYS A 527 19.50 -10.94 17.42
C LYS A 527 19.82 -12.42 17.58
N ASN A 528 18.99 -13.16 18.32
CA ASN A 528 19.14 -14.60 18.49
C ASN A 528 17.87 -15.28 17.99
N HIS A 529 18.04 -16.40 17.29
CA HIS A 529 16.88 -17.16 16.86
C HIS A 529 16.18 -17.75 18.07
N PHE A 530 14.84 -17.79 18.01
CA PHE A 530 14.02 -17.99 19.19
C PHE A 530 12.79 -18.80 18.82
N LEU A 531 12.66 -19.98 19.42
CA LEU A 531 11.64 -20.95 19.07
C LEU A 531 10.59 -21.05 20.17
N VAL A 532 9.31 -20.99 19.80
CA VAL A 532 8.19 -21.11 20.71
C VAL A 532 7.39 -22.35 20.30
N VAL A 533 7.25 -23.30 21.23
CA VAL A 533 6.52 -24.54 20.99
C VAL A 533 5.34 -24.60 21.94
N GLY A 534 4.18 -24.94 21.40
CA GLY A 534 2.99 -25.04 22.22
C GLY A 534 2.81 -26.46 22.75
N VAL A 535 2.87 -26.62 24.06
CA VAL A 535 2.77 -27.92 24.71
C VAL A 535 1.36 -28.05 25.29
N PRO A 536 0.73 -29.23 25.11
CA PRO A 536 1.22 -30.46 24.48
C PRO A 536 0.82 -30.63 23.01
N ALA A 537 0.04 -29.68 22.49
CA ALA A 537 -0.57 -29.85 21.18
C ALA A 537 0.48 -30.11 20.10
N SER A 538 1.56 -29.35 20.12
CA SER A 538 2.58 -29.48 19.09
C SER A 538 3.29 -30.82 19.22
N PRO A 539 3.58 -31.48 18.09
CA PRO A 539 4.37 -32.73 18.12
C PRO A 539 5.83 -32.49 18.51
N TYR A 540 6.19 -31.24 18.80
CA TYR A 540 7.53 -30.90 19.24
C TYR A 540 7.63 -30.80 20.76
N SER A 541 6.55 -31.08 21.49
CA SER A 541 6.63 -31.16 22.94
C SER A 541 7.56 -32.28 23.41
N VAL A 542 7.93 -33.20 22.52
CA VAL A 542 8.87 -34.26 22.87
C VAL A 542 10.20 -33.68 23.29
N LYS A 543 10.50 -32.46 22.84
CA LYS A 543 11.78 -31.81 23.09
C LYS A 543 11.78 -31.01 24.39
N LYS A 544 10.75 -31.13 25.21
CA LYS A 544 10.60 -30.31 26.39
C LYS A 544 10.97 -31.10 27.64
N PRO A 545 11.92 -30.62 28.45
CA PRO A 545 12.30 -31.35 29.65
C PRO A 545 11.13 -31.46 30.59
N PRO A 546 11.05 -32.58 31.35
CA PRO A 546 9.99 -32.69 32.36
C PRO A 546 10.11 -31.65 33.44
N SER A 547 11.32 -31.15 33.71
CA SER A 547 11.48 -30.10 34.71
C SER A 547 10.68 -28.85 34.32
N VAL A 548 10.66 -28.52 33.04
CA VAL A 548 10.02 -27.30 32.59
C VAL A 548 8.50 -27.47 32.63
N THR A 549 7.82 -26.50 33.25
CA THR A 549 6.38 -26.37 33.18
C THR A 549 6.01 -25.34 32.13
N PRO A 550 5.13 -25.65 31.19
CA PRO A 550 4.93 -24.77 30.03
C PRO A 550 4.38 -23.41 30.44
N ILE A 551 4.95 -22.36 29.84
CA ILE A 551 4.52 -21.00 30.16
C ILE A 551 3.06 -20.81 29.78
N PHE A 552 2.35 -20.03 30.60
CA PHE A 552 0.93 -19.79 30.41
C PHE A 552 0.63 -18.34 30.79
N LEU A 553 -0.05 -17.62 29.88
CA LEU A 553 -0.49 -16.26 30.13
C LEU A 553 -2.01 -16.16 29.93
N GLU A 554 -2.68 -15.49 30.87
CA GLU A 554 -4.10 -15.14 30.84
C GLU A 554 -4.27 -13.67 30.49
N PRO A 555 -5.45 -13.27 30.01
CA PRO A 555 -5.58 -11.95 29.37
C PRO A 555 -5.90 -10.83 30.36
N PRO A 556 -7.15 -10.69 30.85
CA PRO A 556 -7.45 -9.36 31.37
C PRO A 556 -6.73 -9.02 32.68
#